data_5YLW
#
_entry.id   5YLW
#
_cell.length_a   108.776
_cell.length_b   108.776
_cell.length_c   105.990
_cell.angle_alpha   90.00
_cell.angle_beta   90.00
_cell.angle_gamma   120.00
#
_symmetry.space_group_name_H-M   'P 31 2 1'
#
loop_
_entity.id
_entity.type
_entity.pdbx_description
1 polymer 'Ferruginol synthase'
2 non-polymer 'PROTOPORPHYRIN IX CONTAINING FE'
3 non-polymer 'MANGANESE (II) ION'
4 water water
#
_entity_poly.entity_id   1
_entity_poly.type   'polypeptide(L)'
_entity_poly.pdbx_seq_one_letter_code
;MDSFPLLAALFFIAATITFLSFRRRRNLPPGPFPYPIVGNMLQLGANPHQVFAKLSKRYGPLMSIHLGSLYTVIVSSPEM
AKEILHRHGQVFSGRTIAQAVHACDHDKISMGFLPVASEWRDMRKICKEQMFSNQSMEASQGLRRQKLQQLLDHVQKCSD
SGRAVDIREAAFITTLNLMSATLFSSQATEFDSKATMEFKEIIEGVATIVGVPNFADYFPILRPFDPQGVKRRADVFFGK
LLAKIEGYLNERLESKRANPNAPKKDDFLEIVVDIIQANEFKLKTHHFTHLMLDLFVGGSDTNTTSIEWAMSELVMNPDK
MARLKAELKSVAGDEKIVDESAMPKLPYLQAVIKEVMRIHPPGPLLLPRKAESDQEVNGYLIPKGTQILINAYAIGRDPS
IWTDPETFDPERFLDNKIDFKGQDYELLPFGSGRRVCPGMPLATRILHMATATLVHNFDWKLEDDSTAAADHAGELFGVA
VRRAVPLRIIPIVKS
;
_entity_poly.pdbx_strand_id   A
#
# COMPACT_ATOMS: atom_id res chain seq x y z
N LEU A 28 3.46 -25.24 20.23
CA LEU A 28 3.64 -24.08 19.35
C LEU A 28 4.16 -24.51 17.98
N PRO A 29 3.86 -23.73 16.92
CA PRO A 29 4.43 -24.03 15.61
C PRO A 29 5.96 -24.14 15.68
N PRO A 30 6.54 -24.99 14.82
CA PRO A 30 8.00 -25.10 14.83
C PRO A 30 8.70 -23.83 14.33
N GLY A 31 9.96 -23.69 14.67
CA GLY A 31 10.72 -22.54 14.18
C GLY A 31 12.17 -22.60 14.63
N PRO A 32 12.98 -21.67 14.14
CA PRO A 32 14.41 -21.63 14.47
C PRO A 32 14.65 -21.39 15.96
N PHE A 33 15.68 -22.04 16.51
CA PHE A 33 16.02 -21.86 17.91
C PHE A 33 16.13 -20.36 18.31
N PRO A 34 15.34 -19.92 19.30
CA PRO A 34 15.46 -18.51 19.75
C PRO A 34 16.46 -18.36 20.88
N TYR A 35 17.41 -17.44 20.71
CA TYR A 35 18.39 -17.19 21.78
C TYR A 35 17.79 -16.38 22.92
N PRO A 36 18.38 -16.51 24.12
CA PRO A 36 17.97 -15.64 25.21
C PRO A 36 18.00 -14.17 24.82
N ILE A 37 17.04 -13.41 25.35
CA ILE A 37 16.90 -11.95 25.15
C ILE A 37 16.41 -11.61 23.74
N VAL A 38 17.25 -11.89 22.74
CA VAL A 38 17.03 -11.44 21.38
C VAL A 38 16.09 -12.34 20.56
N GLY A 39 15.87 -13.57 21.03
CA GLY A 39 15.07 -14.50 20.21
C GLY A 39 15.73 -14.76 18.87
N ASN A 40 14.98 -14.55 17.78
CA ASN A 40 15.47 -14.75 16.42
C ASN A 40 15.85 -13.45 15.72
N MET A 41 15.85 -12.32 16.46
CA MET A 41 16.06 -11.04 15.80
C MET A 41 17.39 -10.84 15.11
N LEU A 42 18.45 -11.49 15.59
CA LEU A 42 19.77 -11.26 14.99
C LEU A 42 19.94 -11.86 13.60
N GLN A 43 19.01 -12.72 13.20
CA GLN A 43 19.12 -13.43 11.90
C GLN A 43 18.34 -12.78 10.79
N LEU A 44 17.68 -11.67 11.08
CA LEU A 44 16.69 -11.16 10.13
C LEU A 44 17.27 -10.32 9.01
N GLY A 45 18.39 -9.65 9.30
CA GLY A 45 19.08 -8.83 8.29
C GLY A 45 18.26 -7.68 7.74
N ALA A 46 18.65 -7.21 6.55
CA ALA A 46 18.08 -6.01 5.95
C ALA A 46 16.71 -6.27 5.33
N ASN A 47 16.44 -7.52 5.00
CA ASN A 47 15.21 -7.92 4.27
C ASN A 47 14.53 -9.11 4.97
N PRO A 48 13.87 -8.86 6.10
CA PRO A 48 13.35 -9.97 6.92
C PRO A 48 12.35 -10.84 6.18
N HIS A 49 11.60 -10.25 5.25
CA HIS A 49 10.66 -11.09 4.50
C HIS A 49 11.37 -12.14 3.67
N GLN A 50 12.56 -11.83 3.17
CA GLN A 50 13.35 -12.82 2.42
C GLN A 50 13.88 -13.92 3.35
N VAL A 51 14.36 -13.53 4.53
CA VAL A 51 14.83 -14.52 5.49
C VAL A 51 13.68 -15.43 5.95
N PHE A 52 12.53 -14.85 6.25
CA PHE A 52 11.37 -15.67 6.63
C PHE A 52 10.98 -16.63 5.50
N ALA A 53 11.02 -16.16 4.25
CA ALA A 53 10.67 -17.04 3.12
C ALA A 53 11.58 -18.26 3.06
N LYS A 54 12.88 -18.04 3.28
CA LYS A 54 13.84 -19.15 3.28
C LYS A 54 13.58 -20.09 4.47
N LEU A 55 13.39 -19.50 5.65
CA LEU A 55 13.18 -20.30 6.86
C LEU A 55 11.93 -21.16 6.75
N SER A 56 10.86 -20.62 6.18
CA SER A 56 9.62 -21.39 6.13
C SER A 56 9.71 -22.62 5.23
N LYS A 57 10.65 -22.62 4.28
CA LYS A 57 10.92 -23.83 3.46
C LYS A 57 11.40 -24.97 4.36
N ARG A 58 12.10 -24.62 5.43
CA ARG A 58 12.56 -25.61 6.41
C ARG A 58 11.54 -25.95 7.49
N TYR A 59 10.93 -24.93 8.11
CA TYR A 59 10.09 -25.12 9.30
C TYR A 59 8.61 -25.33 9.00
N GLY A 60 8.16 -24.86 7.84
CA GLY A 60 6.80 -25.09 7.38
C GLY A 60 6.00 -23.81 7.34
N PRO A 61 4.73 -23.92 6.94
CA PRO A 61 3.90 -22.77 6.62
C PRO A 61 3.26 -22.07 7.83
N LEU A 62 3.42 -22.64 9.04
CA LEU A 62 3.19 -21.89 10.28
C LEU A 62 4.49 -22.00 11.07
N MET A 63 5.13 -20.85 11.28
CA MET A 63 6.48 -20.87 11.85
C MET A 63 6.60 -19.88 13.01
N SER A 64 7.09 -20.37 14.16
CA SER A 64 7.32 -19.50 15.32
C SER A 64 8.57 -18.64 15.16
N ILE A 65 8.45 -17.34 15.44
CA ILE A 65 9.60 -16.41 15.43
C ILE A 65 9.51 -15.56 16.69
N HIS A 66 10.62 -15.43 17.43
CA HIS A 66 10.62 -14.64 18.64
C HIS A 66 11.29 -13.33 18.35
N LEU A 67 10.52 -12.24 18.23
CA LEU A 67 11.13 -10.94 17.97
C LEU A 67 11.41 -10.33 19.34
N GLY A 68 12.52 -10.74 19.94
CA GLY A 68 12.71 -10.47 21.37
C GLY A 68 11.57 -11.15 22.11
N SER A 69 10.83 -10.38 22.90
CA SER A 69 9.68 -10.87 23.66
C SER A 69 8.36 -10.86 22.89
N LEU A 70 8.40 -10.33 21.66
CA LEU A 70 7.21 -10.25 20.84
C LEU A 70 7.06 -11.56 20.05
N TYR A 71 6.27 -12.48 20.60
CA TYR A 71 6.11 -13.81 19.99
C TYR A 71 5.25 -13.70 18.72
N THR A 72 5.74 -14.27 17.62
CA THR A 72 5.14 -14.07 16.28
C THR A 72 5.00 -15.41 15.57
N VAL A 73 3.95 -15.56 14.77
CA VAL A 73 3.85 -16.74 13.91
C VAL A 73 3.76 -16.28 12.46
N ILE A 74 4.62 -16.82 11.61
CA ILE A 74 4.66 -16.44 10.21
C ILE A 74 3.83 -17.44 9.44
N VAL A 75 2.96 -16.95 8.56
CA VAL A 75 2.03 -17.80 7.78
C VAL A 75 2.50 -17.74 6.33
N SER A 76 2.81 -18.89 5.72
CA SER A 76 3.55 -18.87 4.45
C SER A 76 3.00 -19.82 3.40
N SER A 77 1.73 -20.19 3.49
CA SER A 77 1.10 -20.97 2.39
C SER A 77 -0.31 -20.47 2.17
N PRO A 78 -0.86 -20.72 0.96
CA PRO A 78 -2.27 -20.35 0.73
C PRO A 78 -3.17 -21.10 1.70
N GLU A 79 -2.87 -22.38 1.95
CA GLU A 79 -3.70 -23.16 2.89
C GLU A 79 -3.75 -22.55 4.30
N MET A 80 -2.59 -22.17 4.83
CA MET A 80 -2.55 -21.62 6.17
C MET A 80 -3.12 -20.19 6.18
N ALA A 81 -2.91 -19.44 5.09
CA ALA A 81 -3.50 -18.10 5.01
C ALA A 81 -5.03 -18.20 5.07
N LYS A 82 -5.60 -19.21 4.41
CA LYS A 82 -7.06 -19.37 4.44
C LYS A 82 -7.53 -19.81 5.83
N GLU A 83 -6.77 -20.70 6.49
CA GLU A 83 -7.15 -21.10 7.86
C GLU A 83 -7.16 -19.88 8.80
N ILE A 84 -6.14 -19.02 8.67
CA ILE A 84 -6.01 -17.89 9.61
C ILE A 84 -6.99 -16.77 9.27
N LEU A 85 -7.03 -16.40 7.99
CA LEU A 85 -7.74 -15.16 7.61
C LEU A 85 -9.22 -15.41 7.35
N HIS A 86 -9.55 -16.64 6.98
CA HIS A 86 -10.95 -16.98 6.67
C HIS A 86 -11.58 -17.89 7.70
N ARG A 87 -11.09 -19.12 7.87
CA ARG A 87 -11.76 -20.07 8.77
C ARG A 87 -11.82 -19.54 10.19
N HIS A 88 -10.70 -19.00 10.66
CA HIS A 88 -10.62 -18.41 11.98
C HIS A 88 -10.49 -16.92 11.88
N GLY A 89 -11.16 -16.33 10.88
CA GLY A 89 -10.98 -14.93 10.54
C GLY A 89 -11.38 -13.94 11.63
N GLN A 90 -12.31 -14.32 12.51
CA GLN A 90 -12.65 -13.46 13.64
C GLN A 90 -11.58 -13.50 14.74
N VAL A 91 -11.12 -14.70 15.10
CA VAL A 91 -10.05 -14.85 16.09
C VAL A 91 -8.82 -14.05 15.69
N PHE A 92 -8.50 -14.06 14.40
CA PHE A 92 -7.28 -13.41 13.90
C PHE A 92 -7.56 -12.03 13.27
N SER A 93 -8.61 -11.36 13.75
CA SER A 93 -9.04 -10.07 13.18
C SER A 93 -8.44 -8.86 13.87
N GLY A 94 -7.71 -9.06 14.97
CA GLY A 94 -7.07 -7.93 15.64
C GLY A 94 -5.77 -7.57 14.95
N ARG A 95 -5.18 -6.45 15.36
CA ARG A 95 -3.85 -6.05 14.89
C ARG A 95 -2.89 -6.02 16.06
N THR A 96 -1.61 -6.30 15.79
CA THR A 96 -0.52 -5.98 16.72
C THR A 96 -0.21 -4.51 16.45
N ILE A 97 -0.11 -3.72 17.51
CA ILE A 97 0.01 -2.26 17.36
C ILE A 97 1.40 -1.78 17.75
N ALA A 98 2.17 -1.35 16.77
CA ALA A 98 3.51 -0.78 17.00
C ALA A 98 3.44 0.42 17.94
N GLN A 99 4.48 0.60 18.75
CA GLN A 99 4.49 1.78 19.63
C GLN A 99 4.35 3.09 18.86
N ALA A 100 4.92 3.18 17.65
CA ALA A 100 4.80 4.40 16.82
C ALA A 100 3.35 4.79 16.58
N VAL A 101 2.46 3.80 16.51
CA VAL A 101 1.04 4.03 16.21
C VAL A 101 0.28 4.70 17.38
N HIS A 102 0.94 4.80 18.54
CA HIS A 102 0.41 5.58 19.67
C HIS A 102 0.49 7.07 19.46
N ALA A 103 1.22 7.51 18.43
CA ALA A 103 1.34 8.93 18.07
C ALA A 103 -0.05 9.56 17.93
N CYS A 104 -0.27 10.69 18.59
CA CYS A 104 -1.58 11.37 18.59
C CYS A 104 -2.77 10.45 18.94
N ASP A 105 -2.51 9.44 19.78
CA ASP A 105 -3.49 8.43 20.19
C ASP A 105 -4.17 7.71 19.02
N HIS A 106 -3.45 7.61 17.92
CA HIS A 106 -4.00 6.97 16.70
C HIS A 106 -4.45 5.56 16.95
N ASP A 107 -3.73 4.83 17.82
CA ASP A 107 -4.09 3.46 18.18
C ASP A 107 -5.49 3.32 18.76
N LYS A 108 -5.99 4.39 19.40
CA LYS A 108 -7.28 4.36 20.07
C LYS A 108 -8.41 4.84 19.17
N ILE A 109 -8.08 5.30 17.96
CA ILE A 109 -9.04 6.00 17.09
C ILE A 109 -9.12 5.37 15.70
N SER A 110 -8.01 4.79 15.24
CA SER A 110 -7.84 4.37 13.84
C SER A 110 -8.57 3.08 13.43
N MET A 111 -9.25 3.13 12.28
CA MET A 111 -9.85 1.93 11.66
C MET A 111 -8.77 0.89 11.34
N GLY A 112 -7.54 1.35 11.15
CA GLY A 112 -6.44 0.43 10.82
C GLY A 112 -5.96 -0.40 12.01
N PHE A 113 -6.36 -0.01 13.23
CA PHE A 113 -5.77 -0.63 14.44
C PHE A 113 -6.76 -1.02 15.54
N LEU A 114 -7.94 -0.40 15.53
CA LEU A 114 -8.99 -0.77 16.48
C LEU A 114 -9.40 -2.25 16.32
N PRO A 115 -9.84 -2.87 17.43
CA PRO A 115 -10.38 -4.21 17.27
C PRO A 115 -11.66 -4.18 16.44
N VAL A 116 -12.03 -5.31 15.87
CA VAL A 116 -13.31 -5.44 15.20
C VAL A 116 -14.43 -5.29 16.25
N ALA A 117 -15.07 -4.14 16.20
CA ALA A 117 -16.18 -3.78 17.09
C ALA A 117 -16.93 -2.65 16.39
N SER A 118 -17.84 -1.98 17.11
CA SER A 118 -18.78 -1.07 16.45
C SER A 118 -18.13 0.11 15.71
N GLU A 119 -17.09 0.72 16.30
CA GLU A 119 -16.41 1.86 15.67
C GLU A 119 -15.72 1.47 14.37
N TRP A 120 -14.94 0.39 14.43
CA TRP A 120 -14.30 -0.14 13.24
C TRP A 120 -15.32 -0.49 12.16
N ARG A 121 -16.39 -1.19 12.55
CA ARG A 121 -17.44 -1.57 11.61
C ARG A 121 -18.07 -0.36 10.92
N ASP A 122 -18.37 0.68 11.68
CA ASP A 122 -18.92 1.92 11.11
C ASP A 122 -17.98 2.54 10.07
N MET A 123 -16.69 2.65 10.42
CA MET A 123 -15.74 3.22 9.50
C MET A 123 -15.53 2.35 8.25
N ARG A 124 -15.51 1.01 8.41
CA ARG A 124 -15.42 0.11 7.26
C ARG A 124 -16.62 0.29 6.31
N LYS A 125 -17.82 0.43 6.89
CA LYS A 125 -19.06 0.67 6.12
C LYS A 125 -19.00 1.97 5.33
N ILE A 126 -18.56 3.03 5.98
CA ILE A 126 -18.37 4.32 5.31
C ILE A 126 -17.40 4.16 4.12
N CYS A 127 -16.30 3.45 4.33
CA CYS A 127 -15.36 3.22 3.24
C CYS A 127 -16.00 2.43 2.08
N LYS A 128 -16.63 1.30 2.39
CA LYS A 128 -17.13 0.39 1.35
C LYS A 128 -18.30 1.00 0.57
N GLU A 129 -19.23 1.60 1.33
CA GLU A 129 -20.50 2.02 0.74
C GLU A 129 -20.47 3.45 0.22
N GLN A 130 -19.58 4.27 0.77
CA GLN A 130 -19.55 5.67 0.38
C GLN A 130 -18.25 6.11 -0.29
N MET A 131 -17.11 5.99 0.37
CA MET A 131 -15.89 6.52 -0.24
C MET A 131 -15.39 5.73 -1.44
N PHE A 132 -15.42 4.41 -1.36
CA PHE A 132 -14.85 3.56 -2.42
C PHE A 132 -15.91 2.87 -3.26
N SER A 133 -17.13 3.37 -3.19
CA SER A 133 -18.19 2.88 -4.07
C SER A 133 -17.88 3.18 -5.53
N ASN A 134 -18.50 2.41 -6.42
CA ASN A 134 -18.39 2.69 -7.86
C ASN A 134 -18.75 4.13 -8.16
N GLN A 135 -19.84 4.61 -7.54
CA GLN A 135 -20.32 5.97 -7.82
C GLN A 135 -19.28 7.02 -7.43
N SER A 136 -18.66 6.82 -6.26
CA SER A 136 -17.65 7.74 -5.77
C SER A 136 -16.40 7.74 -6.65
N MET A 137 -15.92 6.54 -7.00
CA MET A 137 -14.73 6.43 -7.82
C MET A 137 -14.97 7.05 -9.20
N GLU A 138 -16.13 6.78 -9.78
CA GLU A 138 -16.50 7.37 -11.07
C GLU A 138 -16.58 8.89 -10.98
N ALA A 139 -17.15 9.41 -9.89
CA ALA A 139 -17.34 10.85 -9.72
C ALA A 139 -16.02 11.62 -9.63
N SER A 140 -14.98 10.96 -9.14
CA SER A 140 -13.66 11.59 -8.99
C SER A 140 -12.63 11.31 -10.10
N GLN A 141 -13.05 10.62 -11.18
CA GLN A 141 -12.15 10.34 -12.30
C GLN A 141 -11.59 11.62 -12.91
N GLY A 142 -12.43 12.65 -13.04
CA GLY A 142 -11.98 13.93 -13.58
C GLY A 142 -10.88 14.58 -12.74
N LEU A 143 -11.05 14.55 -11.43
CA LEU A 143 -10.07 15.08 -10.48
C LEU A 143 -8.71 14.40 -10.73
N ARG A 144 -8.73 13.09 -10.85
CA ARG A 144 -7.49 12.36 -11.08
C ARG A 144 -6.90 12.61 -12.46
N ARG A 145 -7.75 12.79 -13.46
CA ARG A 145 -7.27 13.00 -14.82
C ARG A 145 -6.35 14.21 -14.92
N GLN A 146 -6.66 15.31 -14.20
CA GLN A 146 -5.76 16.47 -14.16
C GLN A 146 -4.36 16.09 -13.74
N LYS A 147 -4.27 15.23 -12.72
CA LYS A 147 -2.97 14.86 -12.15
C LYS A 147 -2.19 13.95 -13.10
N LEU A 148 -2.89 13.10 -13.86
CA LEU A 148 -2.26 12.28 -14.88
C LEU A 148 -1.68 13.15 -16.00
N GLN A 149 -2.44 14.18 -16.41
CA GLN A 149 -1.94 15.16 -17.38
C GLN A 149 -0.67 15.85 -16.89
N GLN A 150 -0.60 16.17 -15.59
CA GLN A 150 0.60 16.81 -15.03
C GLN A 150 1.80 15.88 -15.09
N LEU A 151 1.59 14.58 -14.84
CA LEU A 151 2.68 13.62 -15.00
C LEU A 151 3.15 13.56 -16.46
N LEU A 152 2.21 13.51 -17.37
CA LEU A 152 2.55 13.50 -18.79
C LEU A 152 3.39 14.74 -19.16
N ASP A 153 2.96 15.91 -18.69
CA ASP A 153 3.71 17.18 -18.92
C ASP A 153 5.14 17.13 -18.39
N HIS A 154 5.31 16.60 -17.18
CA HIS A 154 6.61 16.46 -16.56
C HIS A 154 7.52 15.57 -17.35
N VAL A 155 7.00 14.41 -17.77
CA VAL A 155 7.80 13.47 -18.55
C VAL A 155 8.12 14.06 -19.92
N GLN A 156 7.14 14.76 -20.52
CA GLN A 156 7.34 15.39 -21.83
C GLN A 156 8.50 16.39 -21.79
N LYS A 157 8.60 17.17 -20.71
CA LYS A 157 9.73 18.10 -20.53
C LYS A 157 11.07 17.37 -20.47
N CYS A 158 11.11 16.26 -19.74
CA CYS A 158 12.31 15.42 -19.67
C CYS A 158 12.69 14.84 -21.04
N SER A 159 11.67 14.39 -21.78
CA SER A 159 11.85 13.83 -23.13
C SER A 159 12.47 14.87 -24.07
N ASP A 160 12.02 16.12 -23.97
CA ASP A 160 12.54 17.22 -24.79
C ASP A 160 14.02 17.44 -24.56
N SER A 161 14.44 17.37 -23.29
CA SER A 161 15.82 17.63 -22.90
C SER A 161 16.69 16.37 -22.89
N GLY A 162 16.09 15.23 -23.19
CA GLY A 162 16.82 13.95 -23.15
C GLY A 162 17.29 13.52 -21.76
N ARG A 163 16.70 14.09 -20.72
CA ARG A 163 17.06 13.80 -19.31
C ARG A 163 16.25 12.62 -18.76
N ALA A 164 16.88 11.83 -17.90
CA ALA A 164 16.20 10.71 -17.26
C ALA A 164 15.10 11.19 -16.31
N VAL A 165 14.05 10.37 -16.19
CA VAL A 165 13.01 10.57 -15.20
C VAL A 165 13.40 9.67 -14.01
N ASP A 166 13.46 10.26 -12.82
CA ASP A 166 13.55 9.52 -11.58
C ASP A 166 12.13 9.01 -11.30
N ILE A 167 11.88 7.74 -11.63
CA ILE A 167 10.53 7.15 -11.53
C ILE A 167 10.03 7.11 -10.09
N ARG A 168 10.92 6.87 -9.12
CA ARG A 168 10.46 6.89 -7.74
C ARG A 168 9.93 8.27 -7.38
N GLU A 169 10.68 9.31 -7.70
CA GLU A 169 10.24 10.68 -7.42
C GLU A 169 8.94 11.05 -8.18
N ALA A 170 8.92 10.73 -9.46
CA ALA A 170 7.73 11.04 -10.29
C ALA A 170 6.49 10.26 -9.83
N ALA A 171 6.68 8.98 -9.50
CA ALA A 171 5.56 8.15 -8.96
C ALA A 171 5.06 8.65 -7.61
N PHE A 172 5.98 9.11 -6.74
CA PHE A 172 5.65 9.59 -5.41
C PHE A 172 4.82 10.86 -5.55
N ILE A 173 5.33 11.83 -6.31
CA ILE A 173 4.60 13.07 -6.51
C ILE A 173 3.22 12.82 -7.16
N THR A 174 3.19 11.98 -8.20
CA THR A 174 1.93 11.65 -8.86
C THR A 174 0.94 10.97 -7.92
N THR A 175 1.41 10.01 -7.12
CA THR A 175 0.53 9.32 -6.16
C THR A 175 -0.05 10.32 -5.16
N LEU A 176 0.80 11.17 -4.58
CA LEU A 176 0.34 12.18 -3.63
C LEU A 176 -0.70 13.10 -4.28
N ASN A 177 -0.45 13.49 -5.54
CA ASN A 177 -1.41 14.30 -6.29
C ASN A 177 -2.77 13.60 -6.51
N LEU A 178 -2.71 12.35 -6.93
CA LEU A 178 -3.92 11.57 -7.17
C LEU A 178 -4.69 11.37 -5.86
N MET A 179 -3.96 11.09 -4.75
CA MET A 179 -4.60 10.94 -3.45
C MET A 179 -5.22 12.27 -2.98
N SER A 180 -4.47 13.37 -3.08
CA SER A 180 -4.96 14.71 -2.71
C SER A 180 -6.18 15.15 -3.50
N ALA A 181 -6.15 14.85 -4.80
CA ALA A 181 -7.27 15.14 -5.68
C ALA A 181 -8.54 14.39 -5.24
N THR A 182 -8.39 13.11 -4.94
CA THR A 182 -9.54 12.29 -4.59
C THR A 182 -10.05 12.60 -3.20
N LEU A 183 -9.14 12.84 -2.25
CA LEU A 183 -9.56 13.06 -0.86
C LEU A 183 -10.04 14.49 -0.63
N PHE A 184 -9.33 15.46 -1.24
CA PHE A 184 -9.49 16.89 -0.87
C PHE A 184 -9.87 17.83 -2.02
N SER A 185 -10.00 17.27 -3.24
CA SER A 185 -10.16 18.06 -4.48
C SER A 185 -9.02 19.07 -4.68
N SER A 186 -7.80 18.69 -4.33
CA SER A 186 -6.66 19.58 -4.56
C SER A 186 -6.40 19.67 -6.05
N GLN A 187 -6.55 20.88 -6.59
CA GLN A 187 -6.51 21.10 -8.03
C GLN A 187 -5.39 22.04 -8.48
N ALA A 188 -4.35 22.15 -7.64
CA ALA A 188 -3.12 22.87 -7.98
C ALA A 188 -2.67 22.56 -9.39
N THR A 189 -2.14 23.56 -10.09
CA THR A 189 -1.73 23.40 -11.49
C THR A 189 -0.26 22.99 -11.65
N GLU A 190 0.52 23.09 -10.58
CA GLU A 190 1.91 22.64 -10.59
C GLU A 190 2.01 21.19 -10.15
N PHE A 191 2.75 20.38 -10.92
CA PHE A 191 3.02 18.98 -10.61
C PHE A 191 3.59 18.85 -9.19
N ASP A 192 4.61 19.65 -8.90
CA ASP A 192 5.25 19.60 -7.60
C ASP A 192 4.80 20.79 -6.75
N SER A 193 3.49 20.89 -6.52
CA SER A 193 2.93 22.02 -5.77
C SER A 193 3.44 22.05 -4.34
N LYS A 194 3.33 23.22 -3.71
CA LYS A 194 3.69 23.42 -2.31
C LYS A 194 3.05 22.39 -1.39
N ALA A 195 1.72 22.22 -1.52
CA ALA A 195 0.98 21.28 -0.66
C ALA A 195 1.46 19.85 -0.87
N THR A 196 1.70 19.49 -2.13
CA THR A 196 2.13 18.12 -2.41
C THR A 196 3.52 17.85 -1.84
N MET A 197 4.42 18.81 -1.96
CA MET A 197 5.77 18.63 -1.45
C MET A 197 5.81 18.63 0.07
N GLU A 198 4.87 19.33 0.70
CA GLU A 198 4.70 19.24 2.17
C GLU A 198 4.19 17.86 2.60
N PHE A 199 3.22 17.31 1.86
CA PHE A 199 2.77 15.95 2.14
C PHE A 199 3.93 14.98 1.97
N LYS A 200 4.74 15.18 0.92
CA LYS A 200 5.86 14.29 0.64
C LYS A 200 6.84 14.25 1.80
N GLU A 201 7.17 15.42 2.35
CA GLU A 201 8.07 15.48 3.48
C GLU A 201 7.50 14.74 4.70
N ILE A 202 6.19 14.88 4.94
CA ILE A 202 5.56 14.23 6.08
C ILE A 202 5.58 12.71 5.90
N ILE A 203 5.24 12.24 4.70
CA ILE A 203 5.18 10.79 4.40
C ILE A 203 6.56 10.15 4.47
N GLU A 204 7.58 10.85 3.94
CA GLU A 204 8.97 10.39 4.06
C GLU A 204 9.38 10.31 5.51
N GLY A 205 8.95 11.29 6.30
CA GLY A 205 9.24 11.35 7.74
C GLY A 205 8.72 10.13 8.48
N VAL A 206 7.43 9.85 8.27
CA VAL A 206 6.83 8.64 8.83
C VAL A 206 7.62 7.37 8.45
N ALA A 207 7.94 7.22 7.16
CA ALA A 207 8.68 6.05 6.69
C ALA A 207 10.06 5.88 7.34
N THR A 208 10.77 6.98 7.53
CA THR A 208 12.09 6.93 8.16
C THR A 208 11.98 6.51 9.63
N ILE A 209 10.96 7.04 10.31
CA ILE A 209 10.73 6.77 11.73
C ILE A 209 10.45 5.27 11.96
N VAL A 210 9.62 4.68 11.10
CA VAL A 210 9.14 3.31 11.29
C VAL A 210 9.92 2.23 10.54
N GLY A 211 10.70 2.64 9.55
CA GLY A 211 11.46 1.69 8.71
C GLY A 211 12.59 0.97 9.42
N VAL A 212 12.87 1.38 10.65
CA VAL A 212 13.91 0.77 11.47
C VAL A 212 13.29 0.24 12.77
N PRO A 213 13.90 -0.81 13.35
CA PRO A 213 13.29 -1.44 14.50
C PRO A 213 13.24 -0.52 15.70
N ASN A 214 12.08 -0.47 16.33
CA ASN A 214 11.93 0.23 17.60
C ASN A 214 12.02 -0.83 18.68
N PHE A 215 13.08 -0.81 19.47
CA PHE A 215 13.30 -1.83 20.49
C PHE A 215 12.18 -1.92 21.52
N ALA A 216 11.44 -0.82 21.71
CA ALA A 216 10.28 -0.83 22.60
C ALA A 216 9.19 -1.79 22.10
N ASP A 217 9.17 -2.08 20.81
CA ASP A 217 8.20 -3.08 20.30
C ASP A 217 8.56 -4.50 20.73
N TYR A 218 9.84 -4.73 21.01
CA TYR A 218 10.33 -6.09 21.23
C TYR A 218 10.65 -6.41 22.68
N PHE A 219 10.79 -5.35 23.48
CA PHE A 219 11.16 -5.46 24.90
C PHE A 219 10.22 -4.61 25.73
N PRO A 220 9.17 -5.23 26.30
CA PRO A 220 8.14 -4.46 27.00
C PRO A 220 8.66 -3.49 28.07
N ILE A 221 9.76 -3.84 28.73
CA ILE A 221 10.32 -2.95 29.78
C ILE A 221 10.73 -1.59 29.20
N LEU A 222 11.01 -1.54 27.89
CA LEU A 222 11.38 -0.28 27.26
C LEU A 222 10.20 0.61 26.82
N ARG A 223 8.99 0.09 26.84
CA ARG A 223 7.85 0.84 26.30
C ARG A 223 7.63 2.17 27.03
N PRO A 224 7.68 2.20 28.38
CA PRO A 224 7.44 3.51 29.01
C PRO A 224 8.55 4.53 28.72
N PHE A 225 9.70 4.06 28.26
CA PHE A 225 10.85 4.95 28.01
C PHE A 225 10.92 5.54 26.60
N ASP A 226 10.29 4.90 25.59
CA ASP A 226 10.44 5.34 24.18
C ASP A 226 11.90 5.68 23.88
N PRO A 227 12.81 4.71 24.09
CA PRO A 227 14.24 5.05 24.18
C PRO A 227 14.88 5.58 22.89
N GLN A 228 14.23 5.35 21.76
CA GLN A 228 14.73 5.84 20.47
C GLN A 228 13.96 7.07 20.00
N GLY A 229 13.00 7.51 20.81
CA GLY A 229 12.22 8.71 20.49
C GLY A 229 11.28 8.49 19.30
N VAL A 230 10.97 7.23 19.00
CA VAL A 230 10.11 6.88 17.85
C VAL A 230 8.71 7.44 18.02
N LYS A 231 8.12 7.21 19.19
CA LYS A 231 6.75 7.66 19.45
C LYS A 231 6.72 9.18 19.42
N ARG A 232 7.70 9.81 20.07
CA ARG A 232 7.78 11.27 20.09
C ARG A 232 7.89 11.87 18.67
N ARG A 233 8.72 11.26 17.83
CA ARG A 233 8.92 11.77 16.47
C ARG A 233 7.68 11.52 15.63
N ALA A 234 7.05 10.36 15.85
CA ALA A 234 5.79 10.04 15.15
C ALA A 234 4.70 11.05 15.53
N ASP A 235 4.66 11.46 16.82
CA ASP A 235 3.78 12.53 17.30
C ASP A 235 3.85 13.76 16.41
N VAL A 236 5.07 14.16 16.09
CA VAL A 236 5.30 15.39 15.29
C VAL A 236 4.71 15.21 13.89
N PHE A 237 5.10 14.13 13.21
CA PHE A 237 4.64 13.91 11.84
C PHE A 237 3.14 13.62 11.72
N PHE A 238 2.61 12.76 12.59
CA PHE A 238 1.15 12.53 12.60
C PHE A 238 0.45 13.85 12.89
N GLY A 239 1.00 14.61 13.85
CA GLY A 239 0.42 15.90 14.21
C GLY A 239 0.37 16.86 13.03
N LYS A 240 1.43 16.89 12.24
CA LYS A 240 1.47 17.76 11.05
C LYS A 240 0.41 17.34 10.03
N LEU A 241 0.32 16.04 9.80
CA LEU A 241 -0.69 15.51 8.87
C LEU A 241 -2.13 15.81 9.36
N LEU A 242 -2.38 15.58 10.65
CA LEU A 242 -3.69 15.85 11.26
C LEU A 242 -4.07 17.33 11.20
N ALA A 243 -3.08 18.21 11.45
CA ALA A 243 -3.33 19.66 11.36
C ALA A 243 -3.75 20.06 9.93
N LYS A 244 -3.08 19.50 8.91
CA LYS A 244 -3.43 19.75 7.50
C LYS A 244 -4.85 19.29 7.17
N ILE A 245 -5.17 18.07 7.58
CA ILE A 245 -6.50 17.49 7.35
C ILE A 245 -7.60 18.25 8.09
N GLU A 246 -7.32 18.61 9.34
CA GLU A 246 -8.24 19.47 10.12
C GLU A 246 -8.50 20.81 9.42
N GLY A 247 -7.44 21.40 8.84
CA GLY A 247 -7.55 22.67 8.10
C GLY A 247 -8.46 22.52 6.88
N TYR A 248 -8.25 21.45 6.11
CA TYR A 248 -9.11 21.20 4.95
C TYR A 248 -10.57 21.00 5.37
N LEU A 249 -10.80 20.25 6.45
CA LEU A 249 -12.15 19.98 6.93
C LEU A 249 -12.83 21.28 7.34
N ASN A 250 -12.14 22.07 8.16
CA ASN A 250 -12.70 23.35 8.60
C ASN A 250 -13.02 24.28 7.43
N GLU A 251 -12.11 24.31 6.45
CA GLU A 251 -12.29 25.13 5.26
C GLU A 251 -13.54 24.69 4.46
N ARG A 252 -13.72 23.39 4.30
CA ARG A 252 -14.90 22.84 3.59
C ARG A 252 -16.18 23.14 4.34
N LEU A 253 -16.17 22.97 5.66
CA LEU A 253 -17.33 23.28 6.50
C LEU A 253 -17.74 24.75 6.30
N GLU A 254 -16.77 25.65 6.37
CA GLU A 254 -17.06 27.08 6.23
C GLU A 254 -17.52 27.43 4.81
N SER A 255 -16.84 26.86 3.81
CA SER A 255 -17.19 27.15 2.42
C SER A 255 -18.60 26.66 2.08
N LYS A 256 -18.97 25.50 2.61
CA LYS A 256 -20.33 25.00 2.43
C LYS A 256 -21.36 25.88 3.13
N ARG A 257 -21.04 26.37 4.32
CA ARG A 257 -21.96 27.24 5.05
C ARG A 257 -22.14 28.55 4.27
N ALA A 258 -21.04 29.06 3.72
CA ALA A 258 -21.05 30.36 3.04
C ALA A 258 -21.64 30.30 1.64
N ASN A 259 -21.59 29.12 1.01
CA ASN A 259 -22.01 28.95 -0.38
C ASN A 259 -23.02 27.81 -0.55
N PRO A 260 -24.23 27.95 0.03
CA PRO A 260 -25.20 26.84 0.02
C PRO A 260 -25.70 26.42 -1.36
N ASN A 261 -25.51 27.28 -2.36
CA ASN A 261 -25.96 27.01 -3.75
C ASN A 261 -24.83 26.50 -4.67
N ALA A 262 -23.61 26.39 -4.16
CA ALA A 262 -22.53 25.91 -5.02
C ALA A 262 -22.66 24.41 -5.29
N PRO A 263 -22.15 23.94 -6.43
CA PRO A 263 -22.19 22.50 -6.71
C PRO A 263 -21.38 21.72 -5.69
N LYS A 264 -21.82 20.50 -5.40
CA LYS A 264 -21.13 19.64 -4.44
C LYS A 264 -19.84 19.09 -5.05
N LYS A 265 -18.77 19.13 -4.27
CA LYS A 265 -17.50 18.53 -4.68
C LYS A 265 -17.56 17.00 -4.70
N ASP A 266 -16.69 16.38 -5.49
CA ASP A 266 -16.72 14.94 -5.72
C ASP A 266 -15.63 14.18 -4.95
N ASP A 267 -15.22 14.72 -3.80
CA ASP A 267 -14.12 14.13 -3.03
C ASP A 267 -14.58 13.47 -1.72
N PHE A 268 -13.64 12.84 -1.02
CA PHE A 268 -14.00 12.15 0.22
C PHE A 268 -14.33 13.16 1.32
N LEU A 269 -13.72 14.33 1.28
CA LEU A 269 -13.99 15.37 2.29
C LEU A 269 -15.46 15.77 2.29
N GLU A 270 -16.07 15.82 1.09
CA GLU A 270 -17.50 16.13 1.00
C GLU A 270 -18.32 15.07 1.73
N ILE A 271 -17.98 13.80 1.52
CA ILE A 271 -18.66 12.68 2.18
C ILE A 271 -18.50 12.80 3.69
N VAL A 272 -17.29 13.14 4.16
CA VAL A 272 -17.05 13.30 5.60
C VAL A 272 -17.98 14.38 6.18
N VAL A 273 -18.03 15.53 5.51
CA VAL A 273 -18.87 16.63 6.00
C VAL A 273 -20.33 16.19 6.07
N ASP A 274 -20.82 15.55 5.01
CA ASP A 274 -22.21 15.12 4.97
C ASP A 274 -22.54 14.11 6.07
N ILE A 275 -21.62 13.18 6.32
CA ILE A 275 -21.82 12.21 7.39
C ILE A 275 -21.83 12.89 8.76
N ILE A 276 -20.88 13.79 9.00
CA ILE A 276 -20.82 14.50 10.29
C ILE A 276 -22.12 15.27 10.55
N GLN A 277 -22.63 15.95 9.53
CA GLN A 277 -23.80 16.80 9.69
C GLN A 277 -25.11 16.01 9.79
N ALA A 278 -25.17 14.84 9.16
CA ALA A 278 -26.33 13.95 9.26
C ALA A 278 -26.40 13.26 10.62
N ASN A 279 -25.25 13.10 11.27
CA ASN A 279 -25.16 12.69 12.68
C ASN A 279 -25.81 11.33 12.98
N GLU A 280 -25.68 10.40 12.04
CA GLU A 280 -26.28 9.09 12.19
C GLU A 280 -25.31 8.02 12.73
N PHE A 281 -24.02 8.33 12.75
CA PHE A 281 -23.00 7.41 13.29
C PHE A 281 -22.49 7.85 14.66
N LYS A 282 -22.26 6.87 15.53
CA LYS A 282 -21.59 7.14 16.81
C LYS A 282 -20.09 7.26 16.60
N LEU A 283 -19.70 8.35 15.96
CA LEU A 283 -18.30 8.67 15.69
C LEU A 283 -18.09 10.16 15.92
N LYS A 284 -16.90 10.53 16.35
CA LYS A 284 -16.55 11.92 16.60
C LYS A 284 -15.75 12.46 15.42
N THR A 285 -15.57 13.77 15.38
CA THR A 285 -14.77 14.41 14.35
C THR A 285 -13.39 13.76 14.21
N HIS A 286 -12.75 13.44 15.34
CA HIS A 286 -11.43 12.82 15.27
C HIS A 286 -11.41 11.46 14.59
N HIS A 287 -12.53 10.74 14.58
CA HIS A 287 -12.55 9.46 13.84
C HIS A 287 -12.40 9.74 12.38
N PHE A 288 -13.03 10.83 11.92
CA PHE A 288 -12.96 11.18 10.49
C PHE A 288 -11.61 11.73 10.09
N THR A 289 -11.01 12.56 10.93
CA THR A 289 -9.72 13.14 10.57
C THR A 289 -8.64 12.03 10.59
N HIS A 290 -8.69 11.15 11.58
CA HIS A 290 -7.74 10.03 11.61
C HIS A 290 -8.00 9.04 10.51
N LEU A 291 -9.26 8.91 10.09
CA LEU A 291 -9.57 8.06 8.93
C LEU A 291 -8.94 8.63 7.65
N MET A 292 -9.08 9.95 7.43
CA MET A 292 -8.44 10.58 6.26
C MET A 292 -6.92 10.41 6.31
N LEU A 293 -6.36 10.48 7.52
CA LEU A 293 -4.93 10.27 7.68
C LEU A 293 -4.56 8.85 7.23
N ASP A 294 -5.31 7.86 7.70
CA ASP A 294 -5.03 6.45 7.34
C ASP A 294 -5.19 6.20 5.85
N LEU A 295 -6.21 6.81 5.24
CA LEU A 295 -6.41 6.61 3.80
C LEU A 295 -5.25 7.25 3.03
N PHE A 296 -4.87 8.48 3.42
CA PHE A 296 -3.81 9.19 2.74
C PHE A 296 -2.48 8.44 2.86
N VAL A 297 -2.11 8.04 4.08
CA VAL A 297 -0.85 7.32 4.27
C VAL A 297 -0.92 5.93 3.62
N GLY A 298 -2.06 5.27 3.79
CA GLY A 298 -2.27 3.92 3.24
C GLY A 298 -1.98 3.81 1.76
N GLY A 299 -2.37 4.83 1.01
CA GLY A 299 -2.23 4.84 -0.45
C GLY A 299 -0.94 5.45 -0.99
N SER A 300 -0.07 5.91 -0.10
CA SER A 300 1.10 6.68 -0.55
C SER A 300 2.30 5.81 -0.93
N ASP A 301 3.00 5.26 0.06
CA ASP A 301 4.18 4.41 -0.22
C ASP A 301 3.82 3.17 -1.04
N THR A 302 2.65 2.57 -0.76
CA THR A 302 2.24 1.35 -1.48
C THR A 302 2.16 1.59 -2.99
N ASN A 303 1.45 2.63 -3.39
CA ASN A 303 1.30 2.90 -4.83
C ASN A 303 2.61 3.41 -5.46
N THR A 304 3.35 4.22 -4.72
CA THR A 304 4.59 4.78 -5.23
C THR A 304 5.60 3.68 -5.58
N THR A 305 5.82 2.76 -4.62
CA THR A 305 6.76 1.66 -4.87
C THR A 305 6.27 0.73 -5.97
N SER A 306 4.96 0.48 -6.00
CA SER A 306 4.40 -0.42 -7.01
C SER A 306 4.50 0.11 -8.46
N ILE A 307 4.26 1.42 -8.65
CA ILE A 307 4.42 2.05 -9.97
C ILE A 307 5.88 1.93 -10.41
N GLU A 308 6.81 2.19 -9.48
CA GLU A 308 8.22 2.04 -9.80
C GLU A 308 8.57 0.58 -10.18
N TRP A 309 8.07 -0.40 -9.42
CA TRP A 309 8.34 -1.80 -9.79
C TRP A 309 7.72 -2.17 -11.13
N ALA A 310 6.54 -1.64 -11.43
CA ALA A 310 5.90 -1.93 -12.72
C ALA A 310 6.79 -1.45 -13.85
N MET A 311 7.26 -0.20 -13.75
CA MET A 311 8.17 0.33 -14.78
C MET A 311 9.49 -0.43 -14.86
N SER A 312 10.04 -0.83 -13.71
CA SER A 312 11.28 -1.60 -13.68
C SER A 312 11.09 -2.96 -14.40
N GLU A 313 10.01 -3.66 -14.06
CA GLU A 313 9.73 -4.94 -14.73
C GLU A 313 9.54 -4.80 -16.23
N LEU A 314 8.82 -3.76 -16.65
CA LEU A 314 8.51 -3.59 -18.07
C LEU A 314 9.77 -3.22 -18.85
N VAL A 315 10.61 -2.36 -18.27
CA VAL A 315 11.85 -1.94 -18.95
C VAL A 315 12.84 -3.11 -19.04
N MET A 316 12.86 -3.93 -17.98
CA MET A 316 13.75 -5.10 -17.94
C MET A 316 13.26 -6.28 -18.78
N ASN A 317 12.00 -6.22 -19.22
CA ASN A 317 11.39 -7.31 -19.99
C ASN A 317 10.72 -6.72 -21.23
N PRO A 318 11.52 -6.32 -22.23
CA PRO A 318 11.00 -5.54 -23.35
C PRO A 318 9.88 -6.20 -24.16
N ASP A 319 9.80 -7.53 -24.20
CA ASP A 319 8.68 -8.20 -24.91
C ASP A 319 7.35 -7.87 -24.22
N LYS A 320 7.40 -7.79 -22.88
CA LYS A 320 6.20 -7.46 -22.09
C LYS A 320 5.82 -5.99 -22.26
N MET A 321 6.81 -5.10 -22.23
CA MET A 321 6.58 -3.69 -22.58
C MET A 321 5.93 -3.58 -23.97
N ALA A 322 6.43 -4.34 -24.95
CA ALA A 322 5.88 -4.25 -26.32
C ALA A 322 4.43 -4.73 -26.36
N ARG A 323 4.11 -5.80 -25.62
CA ARG A 323 2.75 -6.33 -25.61
C ARG A 323 1.78 -5.33 -24.97
N LEU A 324 2.20 -4.69 -23.89
CA LEU A 324 1.34 -3.70 -23.24
C LEU A 324 1.18 -2.49 -24.14
N LYS A 325 2.27 -2.03 -24.77
CA LYS A 325 2.17 -0.88 -25.67
C LYS A 325 1.19 -1.18 -26.82
N ALA A 326 1.24 -2.39 -27.34
CA ALA A 326 0.33 -2.79 -28.44
C ALA A 326 -1.13 -2.75 -28.01
N GLU A 327 -1.40 -3.26 -26.80
CA GLU A 327 -2.76 -3.21 -26.26
C GLU A 327 -3.25 -1.76 -26.15
N LEU A 328 -2.42 -0.92 -25.54
CA LEU A 328 -2.79 0.48 -25.32
C LEU A 328 -2.98 1.20 -26.66
N LYS A 329 -2.12 0.93 -27.62
CA LYS A 329 -2.29 1.52 -28.95
C LYS A 329 -3.65 1.16 -29.58
N SER A 330 -4.02 -0.11 -29.46
CA SER A 330 -5.27 -0.57 -30.07
C SER A 330 -6.52 0.02 -29.41
N VAL A 331 -6.46 0.25 -28.09
CA VAL A 331 -7.61 0.75 -27.34
C VAL A 331 -7.65 2.28 -27.26
N ALA A 332 -6.53 2.89 -26.90
CA ALA A 332 -6.50 4.35 -26.70
C ALA A 332 -6.19 5.11 -27.97
N GLY A 333 -5.48 4.46 -28.91
CA GLY A 333 -5.06 5.11 -30.16
C GLY A 333 -4.22 6.35 -29.90
N ASP A 334 -4.64 7.48 -30.48
CA ASP A 334 -3.93 8.75 -30.29
C ASP A 334 -4.25 9.49 -28.99
N GLU A 335 -5.24 9.03 -28.24
CA GLU A 335 -5.55 9.66 -26.95
C GLU A 335 -4.38 9.41 -26.03
N LYS A 336 -4.02 10.43 -25.25
CA LYS A 336 -2.83 10.33 -24.39
C LYS A 336 -3.15 9.82 -23.00
N ILE A 337 -4.32 10.21 -22.48
CA ILE A 337 -4.76 9.81 -21.14
C ILE A 337 -5.95 8.87 -21.25
N VAL A 338 -5.70 7.62 -20.88
CA VAL A 338 -6.70 6.57 -20.82
C VAL A 338 -7.80 6.89 -19.80
N ASP A 339 -9.06 6.60 -20.16
CA ASP A 339 -10.16 6.71 -19.23
C ASP A 339 -10.15 5.52 -18.27
N GLU A 340 -10.30 5.78 -16.97
CA GLU A 340 -10.39 4.72 -15.98
C GLU A 340 -11.51 3.74 -16.33
N SER A 341 -12.60 4.24 -16.90
CA SER A 341 -13.72 3.36 -17.26
C SER A 341 -13.37 2.40 -18.39
N ALA A 342 -12.23 2.61 -19.05
CA ALA A 342 -11.77 1.69 -20.11
C ALA A 342 -11.06 0.44 -19.57
N MET A 343 -10.90 0.34 -18.26
CA MET A 343 -10.15 -0.82 -17.70
C MET A 343 -10.62 -2.22 -18.15
N PRO A 344 -11.95 -2.46 -18.29
CA PRO A 344 -12.38 -3.79 -18.77
C PRO A 344 -11.87 -4.11 -20.19
N LYS A 345 -11.49 -3.08 -20.94
CA LYS A 345 -10.99 -3.26 -22.31
C LYS A 345 -9.47 -3.50 -22.35
N LEU A 346 -8.83 -3.49 -21.18
CA LEU A 346 -7.38 -3.55 -21.08
C LEU A 346 -6.90 -4.73 -20.23
N PRO A 347 -7.14 -5.97 -20.71
CA PRO A 347 -6.80 -7.13 -19.89
C PRO A 347 -5.30 -7.30 -19.69
N TYR A 348 -4.47 -6.88 -20.66
CA TYR A 348 -3.03 -7.04 -20.44
C TYR A 348 -2.49 -6.07 -19.38
N LEU A 349 -2.99 -4.83 -19.40
CA LEU A 349 -2.63 -3.89 -18.32
C LEU A 349 -3.03 -4.46 -16.95
N GLN A 350 -4.22 -5.05 -16.88
CA GLN A 350 -4.67 -5.69 -15.62
C GLN A 350 -3.72 -6.84 -15.25
N ALA A 351 -3.34 -7.64 -16.24
CA ALA A 351 -2.44 -8.77 -15.99
C ALA A 351 -1.06 -8.29 -15.53
N VAL A 352 -0.57 -7.22 -16.15
CA VAL A 352 0.72 -6.63 -15.76
C VAL A 352 0.69 -6.25 -14.28
N ILE A 353 -0.38 -5.56 -13.85
CA ILE A 353 -0.43 -5.13 -12.45
C ILE A 353 -0.63 -6.31 -11.45
N LYS A 354 -1.42 -7.34 -11.82
CA LYS A 354 -1.48 -8.56 -11.01
C LYS A 354 -0.09 -9.17 -10.86
N GLU A 355 0.69 -9.20 -11.95
CA GLU A 355 2.02 -9.81 -11.91
C GLU A 355 3.00 -8.99 -11.07
N VAL A 356 2.92 -7.67 -11.17
CA VAL A 356 3.72 -6.79 -10.27
C VAL A 356 3.35 -7.05 -8.81
N MET A 357 2.06 -7.19 -8.52
CA MET A 357 1.58 -7.45 -7.14
C MET A 357 2.02 -8.82 -6.62
N ARG A 358 2.13 -9.78 -7.54
CA ARG A 358 2.56 -11.15 -7.19
C ARG A 358 4.01 -11.15 -6.74
N ILE A 359 4.86 -10.47 -7.51
CA ILE A 359 6.31 -10.48 -7.28
C ILE A 359 6.72 -9.42 -6.26
N HIS A 360 5.99 -8.29 -6.23
CA HIS A 360 6.37 -7.15 -5.40
C HIS A 360 5.22 -6.62 -4.59
N PRO A 361 4.66 -7.45 -3.69
CA PRO A 361 3.67 -6.90 -2.77
C PRO A 361 4.40 -5.82 -1.94
N PRO A 362 3.90 -4.57 -1.91
CA PRO A 362 4.72 -3.51 -1.30
C PRO A 362 4.93 -3.74 0.20
N GLY A 363 3.90 -4.30 0.87
CA GLY A 363 4.09 -4.77 2.25
C GLY A 363 4.24 -6.28 2.15
N PRO A 364 5.47 -6.79 2.15
CA PRO A 364 5.62 -8.24 1.88
C PRO A 364 5.06 -9.13 3.01
N LEU A 365 4.96 -8.57 4.22
CA LEU A 365 4.41 -9.25 5.40
C LEU A 365 3.06 -8.62 5.78
N LEU A 366 2.42 -8.01 4.77
CA LEU A 366 1.16 -7.27 4.93
C LEU A 366 1.22 -6.28 6.11
N LEU A 367 0.10 -6.15 6.84
CA LEU A 367 0.05 -5.48 8.13
C LEU A 367 -0.25 -6.53 9.17
N PRO A 368 0.33 -6.39 10.38
CA PRO A 368 0.21 -7.50 11.32
C PRO A 368 -1.23 -7.77 11.77
N ARG A 369 -1.54 -9.05 11.96
CA ARG A 369 -2.75 -9.45 12.66
C ARG A 369 -2.38 -9.90 14.09
N LYS A 370 -3.38 -10.26 14.88
CA LYS A 370 -3.15 -10.66 16.25
C LYS A 370 -4.23 -11.67 16.65
N ALA A 371 -3.82 -12.71 17.39
CA ALA A 371 -4.76 -13.69 17.94
C ALA A 371 -5.55 -13.06 19.09
N GLU A 372 -6.87 -12.99 18.92
CA GLU A 372 -7.74 -12.42 19.97
C GLU A 372 -7.99 -13.40 21.12
N SER A 373 -7.68 -14.68 20.90
CA SER A 373 -7.83 -15.75 21.88
C SER A 373 -6.95 -16.91 21.43
N ASP A 374 -6.70 -17.86 22.34
CA ASP A 374 -6.00 -19.10 22.00
C ASP A 374 -6.76 -19.82 20.89
N GLN A 375 -6.01 -20.33 19.91
CA GLN A 375 -6.66 -21.03 18.82
C GLN A 375 -5.73 -22.10 18.26
N GLU A 376 -6.24 -23.31 18.14
CA GLU A 376 -5.49 -24.38 17.49
C GLU A 376 -5.64 -24.27 15.96
N VAL A 377 -4.51 -24.38 15.26
CA VAL A 377 -4.46 -24.36 13.78
C VAL A 377 -3.49 -25.43 13.31
N ASN A 378 -3.98 -26.36 12.48
CA ASN A 378 -3.15 -27.48 11.99
C ASN A 378 -2.40 -28.20 13.14
N GLY A 379 -3.11 -28.43 14.24
CA GLY A 379 -2.53 -29.17 15.37
C GLY A 379 -1.63 -28.36 16.28
N TYR A 380 -1.43 -27.07 15.99
CA TYR A 380 -0.55 -26.21 16.79
C TYR A 380 -1.34 -25.18 17.56
N LEU A 381 -0.95 -24.93 18.80
CA LEU A 381 -1.54 -23.87 19.60
C LEU A 381 -0.99 -22.51 19.15
N ILE A 382 -1.89 -21.58 18.81
CA ILE A 382 -1.51 -20.18 18.64
C ILE A 382 -2.09 -19.40 19.82
N PRO A 383 -1.20 -19.00 20.76
CA PRO A 383 -1.77 -18.36 21.96
C PRO A 383 -2.35 -16.97 21.72
N LYS A 384 -3.34 -16.62 22.54
CA LYS A 384 -3.86 -15.24 22.62
C LYS A 384 -2.70 -14.25 22.62
N GLY A 385 -2.79 -13.22 21.77
CA GLY A 385 -1.77 -12.16 21.78
C GLY A 385 -0.65 -12.35 20.79
N THR A 386 -0.58 -13.54 20.18
CA THR A 386 0.45 -13.83 19.18
C THR A 386 0.35 -12.84 18.03
N GLN A 387 1.48 -12.25 17.61
CA GLN A 387 1.50 -11.47 16.37
C GLN A 387 1.46 -12.43 15.17
N ILE A 388 0.57 -12.16 14.21
CA ILE A 388 0.46 -12.99 13.00
C ILE A 388 0.95 -12.18 11.80
N LEU A 389 1.93 -12.72 11.07
CA LEU A 389 2.39 -12.07 9.84
C LEU A 389 2.16 -13.01 8.67
N ILE A 390 1.41 -12.53 7.68
CA ILE A 390 1.18 -13.29 6.46
C ILE A 390 2.31 -12.93 5.49
N ASN A 391 3.14 -13.91 5.15
CA ASN A 391 4.22 -13.64 4.20
C ASN A 391 3.71 -13.78 2.78
N ALA A 392 2.98 -12.75 2.34
CA ALA A 392 2.43 -12.75 0.97
C ALA A 392 3.53 -12.81 -0.06
N TYR A 393 4.69 -12.23 0.27
CA TYR A 393 5.86 -12.26 -0.62
C TYR A 393 6.32 -13.71 -0.85
N ALA A 394 6.45 -14.48 0.25
CA ALA A 394 6.87 -15.88 0.12
C ALA A 394 5.86 -16.67 -0.71
N ILE A 395 4.58 -16.47 -0.45
CA ILE A 395 3.53 -17.17 -1.19
C ILE A 395 3.61 -16.85 -2.70
N GLY A 396 3.81 -15.56 -3.00
CA GLY A 396 3.84 -15.10 -4.40
C GLY A 396 5.06 -15.64 -5.15
N ARG A 397 6.13 -16.00 -4.41
CA ARG A 397 7.34 -16.51 -5.05
C ARG A 397 7.60 -18.00 -4.87
N ASP A 398 6.61 -18.71 -4.34
CA ASP A 398 6.79 -20.12 -4.01
C ASP A 398 6.69 -20.96 -5.29
N PRO A 399 7.77 -21.68 -5.65
CA PRO A 399 7.71 -22.43 -6.90
C PRO A 399 6.74 -23.61 -6.90
N SER A 400 6.27 -24.03 -5.72
CA SER A 400 5.23 -25.06 -5.64
C SER A 400 3.85 -24.51 -5.97
N ILE A 401 3.75 -23.18 -6.04
CA ILE A 401 2.49 -22.49 -6.29
C ILE A 401 2.49 -21.85 -7.67
N TRP A 402 3.57 -21.14 -7.97
CA TRP A 402 3.71 -20.40 -9.20
C TRP A 402 4.87 -20.94 -10.00
N THR A 403 4.59 -21.40 -11.21
CA THR A 403 5.64 -21.89 -12.13
C THR A 403 6.60 -20.76 -12.51
N ASP A 404 7.90 -21.04 -12.45
CA ASP A 404 8.94 -20.03 -12.72
C ASP A 404 8.62 -18.72 -11.98
N PRO A 405 8.58 -18.79 -10.63
CA PRO A 405 8.04 -17.66 -9.86
C PRO A 405 8.88 -16.39 -9.94
N GLU A 406 10.15 -16.53 -10.34
CA GLU A 406 11.02 -15.38 -10.47
C GLU A 406 10.91 -14.70 -11.82
N THR A 407 10.14 -15.28 -12.72
CA THR A 407 9.99 -14.72 -14.05
C THR A 407 8.80 -13.78 -14.09
N PHE A 408 9.00 -12.58 -14.64
CA PHE A 408 7.91 -11.63 -14.90
C PHE A 408 7.12 -12.07 -16.14
N ASP A 409 5.91 -12.58 -15.92
CA ASP A 409 5.11 -13.22 -16.98
C ASP A 409 3.63 -12.85 -16.80
N PRO A 410 3.26 -11.63 -17.22
CA PRO A 410 1.86 -11.22 -17.04
C PRO A 410 0.88 -12.18 -17.72
N GLU A 411 1.32 -12.85 -18.78
CA GLU A 411 0.45 -13.79 -19.49
C GLU A 411 -0.09 -14.90 -18.59
N ARG A 412 0.58 -15.16 -17.47
CA ARG A 412 0.10 -16.17 -16.56
C ARG A 412 -1.30 -15.81 -16.01
N PHE A 413 -1.65 -14.52 -16.03
CA PHE A 413 -2.96 -14.07 -15.56
C PHE A 413 -4.04 -13.90 -16.64
N LEU A 414 -3.67 -14.06 -17.91
CA LEU A 414 -4.67 -13.88 -18.97
C LEU A 414 -5.67 -15.01 -18.94
N ASP A 415 -6.96 -14.65 -19.04
CA ASP A 415 -8.07 -15.59 -18.90
C ASP A 415 -7.96 -16.45 -17.64
N ASN A 416 -7.36 -15.87 -16.60
CA ASN A 416 -7.16 -16.56 -15.34
C ASN A 416 -8.06 -15.86 -14.36
N LYS A 417 -8.91 -16.61 -13.66
CA LYS A 417 -9.80 -15.93 -12.75
C LYS A 417 -9.10 -15.47 -11.46
N ILE A 418 -7.86 -15.94 -11.21
CA ILE A 418 -7.12 -15.53 -9.99
C ILE A 418 -6.97 -14.01 -9.95
N ASP A 419 -7.34 -13.42 -8.81
CA ASP A 419 -7.29 -11.99 -8.64
C ASP A 419 -6.71 -11.72 -7.25
N PHE A 420 -6.50 -10.44 -6.95
CA PHE A 420 -5.91 -10.05 -5.65
C PHE A 420 -6.92 -9.48 -4.67
N LYS A 421 -8.20 -9.82 -4.87
CA LYS A 421 -9.25 -9.24 -4.02
C LYS A 421 -9.34 -9.89 -2.65
N GLY A 422 -8.62 -11.01 -2.43
CA GLY A 422 -8.65 -11.70 -1.16
C GLY A 422 -9.27 -13.09 -1.22
N GLN A 423 -9.84 -13.46 -2.36
CA GLN A 423 -10.46 -14.77 -2.51
C GLN A 423 -9.51 -15.84 -3.05
N ASP A 424 -8.31 -15.43 -3.48
CA ASP A 424 -7.33 -16.37 -4.01
C ASP A 424 -6.10 -16.32 -3.11
N TYR A 425 -5.90 -17.38 -2.34
CA TYR A 425 -4.89 -17.32 -1.26
C TYR A 425 -3.45 -17.48 -1.76
N GLU A 426 -3.31 -17.66 -3.08
CA GLU A 426 -2.03 -17.62 -3.78
C GLU A 426 -1.56 -16.18 -4.07
N LEU A 427 -2.48 -15.21 -3.96
CA LEU A 427 -2.19 -13.83 -4.36
C LEU A 427 -2.84 -12.86 -3.35
N LEU A 428 -2.07 -12.46 -2.35
CA LEU A 428 -2.64 -11.75 -1.20
C LEU A 428 -2.00 -10.36 -0.91
N PRO A 429 -1.68 -9.58 -1.95
CA PRO A 429 -0.98 -8.32 -1.70
C PRO A 429 -1.82 -7.29 -0.93
N PHE A 430 -3.15 -7.40 -0.95
CA PHE A 430 -4.06 -6.53 -0.20
C PHE A 430 -4.61 -7.25 1.04
N GLY A 431 -4.06 -8.41 1.40
CA GLY A 431 -4.65 -9.19 2.48
C GLY A 431 -5.98 -9.85 2.12
N SER A 432 -6.74 -10.22 3.14
CA SER A 432 -7.97 -11.00 2.95
C SER A 432 -8.68 -11.07 4.28
N GLY A 433 -9.94 -11.46 4.25
CA GLY A 433 -10.70 -11.62 5.49
C GLY A 433 -11.17 -10.28 6.05
N ARG A 434 -11.27 -10.20 7.38
CA ARG A 434 -11.93 -9.08 8.02
C ARG A 434 -11.34 -7.72 7.67
N ARG A 435 -10.01 -7.64 7.61
CA ARG A 435 -9.34 -6.35 7.46
C ARG A 435 -8.75 -6.09 6.08
N VAL A 436 -9.22 -6.83 5.08
CA VAL A 436 -8.73 -6.70 3.70
C VAL A 436 -8.70 -5.23 3.29
N CYS A 437 -7.68 -4.82 2.54
CA CYS A 437 -7.50 -3.40 2.21
C CYS A 437 -8.79 -2.74 1.69
N PRO A 438 -9.28 -1.70 2.39
CA PRO A 438 -10.49 -1.04 1.91
C PRO A 438 -10.24 -0.05 0.78
N GLY A 439 -8.97 0.32 0.55
CA GLY A 439 -8.63 1.32 -0.49
C GLY A 439 -8.39 0.69 -1.86
N MET A 440 -8.53 -0.64 -1.96
CA MET A 440 -8.27 -1.36 -3.21
C MET A 440 -8.87 -0.72 -4.48
N PRO A 441 -10.15 -0.25 -4.43
CA PRO A 441 -10.73 0.32 -5.68
C PRO A 441 -9.99 1.56 -6.16
N LEU A 442 -9.46 2.36 -5.22
CA LEU A 442 -8.68 3.55 -5.60
C LEU A 442 -7.25 3.14 -5.97
N ALA A 443 -6.66 2.21 -5.21
CA ALA A 443 -5.32 1.76 -5.54
C ALA A 443 -5.22 1.24 -6.97
N THR A 444 -6.16 0.40 -7.39
CA THR A 444 -6.05 -0.17 -8.74
C THR A 444 -6.19 0.93 -9.81
N ARG A 445 -7.06 1.91 -9.57
CA ARG A 445 -7.14 3.04 -10.52
C ARG A 445 -5.85 3.82 -10.62
N ILE A 446 -5.19 4.04 -9.48
CA ILE A 446 -3.89 4.73 -9.47
C ILE A 446 -2.80 3.92 -10.20
N LEU A 447 -2.68 2.63 -9.83
CA LEU A 447 -1.66 1.77 -10.45
C LEU A 447 -1.89 1.62 -11.95
N HIS A 448 -3.12 1.33 -12.35
CA HIS A 448 -3.39 1.16 -13.78
C HIS A 448 -3.15 2.41 -14.57
N MET A 449 -3.63 3.56 -14.08
CA MET A 449 -3.56 4.79 -14.88
C MET A 449 -2.16 5.40 -14.91
N ALA A 450 -1.43 5.35 -13.80
CA ALA A 450 -0.06 5.88 -13.83
C ALA A 450 0.78 5.03 -14.79
N THR A 451 0.60 3.70 -14.72
CA THR A 451 1.36 2.81 -15.58
C THR A 451 0.99 3.06 -17.04
N ALA A 452 -0.31 3.13 -17.34
CA ALA A 452 -0.76 3.35 -18.74
C ALA A 452 -0.23 4.68 -19.29
N THR A 453 -0.23 5.71 -18.45
CA THR A 453 0.19 7.04 -18.89
C THR A 453 1.66 7.04 -19.28
N LEU A 454 2.49 6.43 -18.45
CA LEU A 454 3.92 6.34 -18.76
C LEU A 454 4.24 5.48 -20.00
N VAL A 455 3.57 4.32 -20.12
CA VAL A 455 3.89 3.32 -21.14
C VAL A 455 3.37 3.74 -22.51
N HIS A 456 2.16 4.31 -22.53
CA HIS A 456 1.50 4.60 -23.81
C HIS A 456 2.18 5.73 -24.54
N ASN A 457 2.75 6.67 -23.78
CA ASN A 457 3.13 7.95 -24.36
C ASN A 457 4.61 8.11 -24.71
N PHE A 458 5.44 7.20 -24.22
CA PHE A 458 6.89 7.27 -24.40
C PHE A 458 7.47 5.89 -24.53
N ASP A 459 8.54 5.76 -25.32
CA ASP A 459 9.43 4.62 -25.22
C ASP A 459 10.44 4.96 -24.12
N TRP A 460 11.14 3.95 -23.61
CA TRP A 460 12.01 4.13 -22.44
C TRP A 460 13.29 3.38 -22.56
N LYS A 461 14.38 3.98 -22.06
CA LYS A 461 15.63 3.26 -21.93
C LYS A 461 16.24 3.60 -20.59
N LEU A 462 16.96 2.64 -20.02
CA LEU A 462 17.72 2.88 -18.79
C LEU A 462 18.75 3.99 -19.04
N GLU A 463 18.86 4.90 -18.07
CA GLU A 463 19.88 5.95 -18.11
C GLU A 463 21.27 5.33 -18.10
N ASP A 464 21.43 4.25 -17.34
CA ASP A 464 22.69 3.54 -17.22
C ASP A 464 22.40 2.06 -16.94
N ASP A 465 22.82 1.20 -17.86
CA ASP A 465 22.48 -0.22 -17.76
C ASP A 465 23.63 -1.12 -17.26
N SER A 466 24.72 -0.48 -16.79
CA SER A 466 25.93 -1.22 -16.43
C SER A 466 25.71 -2.24 -15.32
N THR A 467 24.78 -1.94 -14.40
CA THR A 467 24.43 -2.86 -13.32
C THR A 467 22.90 -3.07 -13.27
N ALA A 468 22.28 -3.14 -14.43
CA ALA A 468 20.82 -3.21 -14.55
C ALA A 468 20.18 -4.35 -13.75
N ALA A 469 20.71 -5.56 -13.91
CA ALA A 469 20.14 -6.73 -13.25
C ALA A 469 20.24 -6.61 -11.73
N ALA A 470 21.40 -6.20 -11.23
CA ALA A 470 21.58 -6.02 -9.78
C ALA A 470 20.66 -4.92 -9.24
N ASP A 471 20.51 -3.84 -10.02
CA ASP A 471 19.68 -2.70 -9.62
C ASP A 471 18.23 -3.12 -9.51
N HIS A 472 17.81 -4.04 -10.37
CA HIS A 472 16.43 -4.51 -10.38
C HIS A 472 16.17 -5.51 -9.28
N ALA A 473 17.20 -6.30 -8.93
CA ALA A 473 17.07 -7.36 -7.92
C ALA A 473 17.13 -6.86 -6.46
N GLY A 474 17.85 -5.76 -6.24
CA GLY A 474 18.18 -5.31 -4.88
C GLY A 474 17.05 -4.55 -4.20
N GLU A 475 16.53 -5.13 -3.13
CA GLU A 475 15.41 -4.52 -2.38
C GLU A 475 15.87 -3.82 -1.12
N LEU A 476 15.10 -2.80 -0.71
CA LEU A 476 15.29 -2.07 0.55
C LEU A 476 14.00 -2.25 1.36
N PHE A 477 14.08 -2.89 2.52
CA PHE A 477 12.90 -3.10 3.37
C PHE A 477 12.44 -1.80 4.02
N GLY A 478 11.14 -1.67 4.24
CA GLY A 478 10.57 -0.51 4.91
C GLY A 478 9.07 -0.68 4.94
N VAL A 479 8.36 0.43 5.22
CA VAL A 479 6.91 0.43 5.23
C VAL A 479 6.42 -0.20 3.91
N ALA A 480 7.04 0.19 2.82
CA ALA A 480 6.87 -0.48 1.55
C ALA A 480 8.24 -0.82 1.06
N VAL A 481 8.43 -2.05 0.58
CA VAL A 481 9.71 -2.49 0.03
C VAL A 481 9.95 -1.76 -1.27
N ARG A 482 11.15 -1.24 -1.46
CA ARG A 482 11.45 -0.57 -2.72
C ARG A 482 12.75 -1.06 -3.34
N ARG A 483 12.90 -0.78 -4.62
CA ARG A 483 14.18 -0.92 -5.30
C ARG A 483 15.21 -0.08 -4.54
N ALA A 484 16.30 -0.71 -4.13
CA ALA A 484 17.37 -0.01 -3.41
C ALA A 484 17.93 1.14 -4.25
N VAL A 485 18.09 0.90 -5.54
CA VAL A 485 18.54 1.91 -6.49
C VAL A 485 17.32 2.43 -7.22
N PRO A 486 16.99 3.74 -7.06
CA PRO A 486 15.83 4.29 -7.78
C PRO A 486 15.93 4.11 -9.29
N LEU A 487 14.80 3.78 -9.92
CA LEU A 487 14.78 3.57 -11.36
C LEU A 487 14.86 4.91 -12.08
N ARG A 488 15.88 5.06 -12.92
CA ARG A 488 16.08 6.26 -13.72
C ARG A 488 16.05 5.86 -15.20
N ILE A 489 15.03 6.33 -15.90
CA ILE A 489 14.83 5.94 -17.30
C ILE A 489 14.52 7.16 -18.15
N ILE A 490 15.05 7.15 -19.37
CA ILE A 490 14.95 8.29 -20.27
C ILE A 490 13.77 8.04 -21.21
N PRO A 491 12.80 8.97 -21.23
CA PRO A 491 11.68 8.86 -22.17
C PRO A 491 12.08 9.30 -23.57
N ILE A 492 11.66 8.52 -24.55
CA ILE A 492 11.98 8.76 -25.95
C ILE A 492 10.68 8.97 -26.73
N VAL A 493 10.71 9.94 -27.64
CA VAL A 493 9.59 10.22 -28.54
C VAL A 493 9.45 9.10 -29.56
#